data_5OIM
#
_entry.id   5OIM
#
_cell.length_a   97.480
_cell.length_b   97.480
_cell.length_c   139.950
_cell.angle_alpha   90.00
_cell.angle_beta   90.00
_cell.angle_gamma   120.00
#
_symmetry.space_group_name_H-M   'P 62 2 2'
#
loop_
_entity.id
_entity.type
_entity.pdbx_description
1 polymer 'Enoyl-[acyl-carrier-protein] reductase [NADH]'
2 non-polymer 'ethyl (6~{R})-2-methyl-4,5,6,7-tetrahydro-1,3-benzothiazole-6-carboxylate'
3 non-polymer NICOTINAMIDE-ADENINE-DINUCLEOTIDE
4 non-polymer 2-ETHOXYETHANOL
5 water water
#
_entity_poly.entity_id   1
_entity_poly.type   'polypeptide(L)'
_entity_poly.pdbx_seq_one_letter_code
;MAGLLDGKRILVSGIITDSSIAFHIARVAQEQGAQLVLTGFDRLRLIQRITDRLPAKAPLLELDVQNEEHLASLAGRVTE
AIGAGNKLDGVVHSIGFMPQTGMGINPFFDAPYADVSKGIHISAYSYASMAKALLPIMNPGGSIVGMDFDPSRAMPAYNW
MTVAKSALESVNRFVAREAGKYGVRSNLVAAGPIRTLAMSAIVGGALGEEAGAQIQLLEEGWDQRAPIGWNMKDATPVAK
TVCALLSDWLPATTGDIIYADGGAHTQLL
;
_entity_poly.pdbx_strand_id   A
#
loop_
_chem_comp.id
_chem_comp.type
_chem_comp.name
_chem_comp.formula
9VZ non-polymer 'ethyl (6~{R})-2-methyl-4,5,6,7-tetrahydro-1,3-benzothiazole-6-carboxylate' 'C11 H15 N O2 S'
ETX non-polymer 2-ETHOXYETHANOL 'C4 H10 O2'
NAD non-polymer NICOTINAMIDE-ADENINE-DINUCLEOTIDE 'C21 H27 N7 O14 P2'
#
# COMPACT_ATOMS: atom_id res chain seq x y z
N GLY A 3 8.89 21.79 3.47
CA GLY A 3 8.91 20.37 3.15
C GLY A 3 8.08 20.06 1.93
N LEU A 4 8.29 18.89 1.33
CA LEU A 4 7.59 18.42 0.13
C LEU A 4 6.05 18.44 0.29
N LEU A 5 5.56 18.11 1.48
CA LEU A 5 4.13 18.01 1.72
C LEU A 5 3.59 19.03 2.73
N ASP A 6 4.22 20.22 2.81
N ASP A 6 4.25 20.20 2.83
CA ASP A 6 3.84 21.30 3.72
CA ASP A 6 3.88 21.27 3.76
C ASP A 6 2.37 21.66 3.62
C ASP A 6 2.41 21.68 3.64
N GLY A 7 1.68 21.61 4.76
CA GLY A 7 0.26 21.95 4.84
C GLY A 7 -0.72 20.90 4.35
N LYS A 8 -0.22 19.79 3.79
CA LYS A 8 -1.13 18.74 3.30
C LYS A 8 -1.68 17.86 4.42
N ARG A 9 -2.96 17.48 4.31
CA ARG A 9 -3.66 16.59 5.24
C ARG A 9 -3.78 15.23 4.54
N ILE A 10 -3.10 14.23 5.07
CA ILE A 10 -2.97 12.92 4.43
C ILE A 10 -3.39 11.77 5.34
N LEU A 11 -4.26 10.90 4.82
CA LEU A 11 -4.68 9.70 5.53
C LEU A 11 -3.70 8.59 5.17
N VAL A 12 -3.19 7.87 6.20
CA VAL A 12 -2.27 6.77 5.95
C VAL A 12 -2.79 5.50 6.62
N SER A 13 -3.13 4.50 5.80
CA SER A 13 -3.59 3.19 6.27
C SER A 13 -2.41 2.21 6.23
N GLY A 14 -2.57 1.04 6.85
CA GLY A 14 -1.60 -0.04 6.70
C GLY A 14 -0.48 -0.21 7.68
N ILE A 15 -0.43 0.58 8.77
CA ILE A 15 0.63 0.36 9.77
C ILE A 15 0.21 -0.79 10.67
N ILE A 16 1.11 -1.78 10.82
CA ILE A 16 0.91 -2.88 11.77
C ILE A 16 2.18 -3.07 12.64
N THR A 17 3.38 -2.90 12.06
CA THR A 17 4.65 -3.01 12.81
C THR A 17 5.52 -1.83 12.41
N ASP A 18 6.69 -1.69 13.04
CA ASP A 18 7.70 -0.70 12.68
C ASP A 18 8.42 -1.07 11.35
N SER A 19 8.14 -2.25 10.77
CA SER A 19 8.69 -2.63 9.46
C SER A 19 7.66 -2.48 8.32
N SER A 20 6.41 -2.08 8.66
CA SER A 20 5.36 -1.85 7.67
C SER A 20 5.83 -0.78 6.71
N ILE A 21 5.57 -0.98 5.41
CA ILE A 21 5.91 0.07 4.44
C ILE A 21 5.20 1.39 4.82
N ALA A 22 3.95 1.30 5.28
CA ALA A 22 3.15 2.46 5.70
C ALA A 22 3.76 3.20 6.87
N PHE A 23 4.49 2.49 7.76
CA PHE A 23 5.13 3.20 8.88
C PHE A 23 6.16 4.20 8.31
N HIS A 24 6.96 3.76 7.31
CA HIS A 24 7.99 4.57 6.66
C HIS A 24 7.38 5.66 5.79
N ILE A 25 6.25 5.36 5.11
CA ILE A 25 5.51 6.38 4.35
C ILE A 25 5.06 7.50 5.35
N ALA A 26 4.46 7.09 6.50
CA ALA A 26 3.98 8.04 7.51
C ALA A 26 5.13 8.89 8.07
N ARG A 27 6.26 8.25 8.39
CA ARG A 27 7.44 8.95 8.93
C ARG A 27 7.95 10.01 7.93
N VAL A 28 8.20 9.60 6.67
CA VAL A 28 8.69 10.51 5.63
C VAL A 28 7.70 11.65 5.37
N ALA A 29 6.39 11.35 5.28
CA ALA A 29 5.37 12.38 5.04
C ALA A 29 5.40 13.43 6.16
N GLN A 30 5.56 12.99 7.44
CA GLN A 30 5.65 13.92 8.59
C GLN A 30 6.95 14.72 8.56
N GLU A 31 8.09 14.09 8.17
CA GLU A 31 9.37 14.81 8.06
C GLU A 31 9.20 15.89 6.99
N GLN A 32 8.28 15.67 6.03
CA GLN A 32 8.02 16.60 4.92
C GLN A 32 6.86 17.57 5.15
N GLY A 33 6.44 17.71 6.42
CA GLY A 33 5.45 18.72 6.81
C GLY A 33 3.99 18.35 6.66
N ALA A 34 3.68 17.07 6.33
CA ALA A 34 2.29 16.65 6.21
C ALA A 34 1.65 16.46 7.60
N GLN A 35 0.34 16.70 7.69
CA GLN A 35 -0.45 16.46 8.91
C GLN A 35 -1.21 15.18 8.61
N LEU A 36 -1.01 14.16 9.43
CA LEU A 36 -1.61 12.85 9.14
C LEU A 36 -2.80 12.45 9.98
N VAL A 37 -3.61 11.56 9.41
CA VAL A 37 -4.66 10.81 10.08
C VAL A 37 -4.29 9.36 9.74
N LEU A 38 -4.20 8.51 10.75
CA LEU A 38 -3.86 7.11 10.50
C LEU A 38 -5.08 6.23 10.66
N THR A 39 -5.11 5.13 9.91
CA THR A 39 -6.13 4.09 10.07
C THR A 39 -5.44 2.76 10.36
N GLY A 40 -6.07 1.96 11.20
CA GLY A 40 -5.52 0.69 11.62
C GLY A 40 -6.55 -0.41 11.70
N PHE A 41 -6.09 -1.65 11.48
CA PHE A 41 -6.95 -2.81 11.48
C PHE A 41 -6.71 -3.71 12.67
N ASP A 42 -7.79 -4.03 13.40
CA ASP A 42 -7.93 -5.01 14.46
C ASP A 42 -7.10 -4.82 15.73
N ARG A 43 -5.78 -4.57 15.62
CA ARG A 43 -4.91 -4.47 16.81
C ARG A 43 -4.54 -3.02 17.06
N LEU A 44 -5.54 -2.23 17.47
CA LEU A 44 -5.41 -0.78 17.63
C LEU A 44 -4.47 -0.38 18.76
N ARG A 45 -4.43 -1.15 19.88
CA ARG A 45 -3.51 -0.88 21.00
C ARG A 45 -2.07 -1.02 20.51
N LEU A 46 -1.77 -2.10 19.79
CA LEU A 46 -0.46 -2.32 19.18
C LEU A 46 -0.10 -1.17 18.22
N ILE A 47 -1.03 -0.81 17.32
CA ILE A 47 -0.77 0.23 16.29
C ILE A 47 -0.50 1.59 16.95
N GLN A 48 -1.27 1.97 17.99
CA GLN A 48 -1.01 3.22 18.73
C GLN A 48 0.42 3.21 19.33
N ARG A 49 0.83 2.08 19.94
CA ARG A 49 2.16 1.96 20.56
C ARG A 49 3.25 2.09 19.49
N ILE A 50 3.05 1.49 18.31
CA ILE A 50 3.97 1.59 17.17
C ILE A 50 4.08 3.06 16.71
N THR A 51 2.90 3.69 16.44
CA THR A 51 2.84 5.03 15.87
C THR A 51 3.26 6.13 16.86
N ASP A 52 3.44 5.78 18.15
CA ASP A 52 3.97 6.72 19.15
C ASP A 52 5.43 7.08 18.80
N ARG A 53 6.09 6.22 17.97
CA ARG A 53 7.48 6.40 17.52
C ARG A 53 7.58 7.30 16.28
N LEU A 54 6.44 7.67 15.66
CA LEU A 54 6.46 8.59 14.51
C LEU A 54 6.93 10.00 14.94
N PRO A 55 7.55 10.81 14.03
CA PRO A 55 8.01 12.17 14.42
C PRO A 55 6.95 13.07 15.05
N ALA A 56 5.68 12.90 14.64
CA ALA A 56 4.60 13.71 15.19
C ALA A 56 3.39 12.87 15.57
N LYS A 57 2.58 13.39 16.51
CA LYS A 57 1.36 12.74 16.98
C LYS A 57 0.31 12.78 15.86
N ALA A 58 -0.48 11.71 15.72
CA ALA A 58 -1.50 11.66 14.69
C ALA A 58 -2.69 10.87 15.18
N PRO A 59 -3.93 11.34 14.91
CA PRO A 59 -5.10 10.55 15.34
C PRO A 59 -5.14 9.20 14.62
N LEU A 60 -5.57 8.17 15.35
CA LEU A 60 -5.67 6.83 14.81
C LEU A 60 -7.13 6.42 14.84
N LEU A 61 -7.65 6.02 13.68
CA LEU A 61 -9.03 5.58 13.47
C LEU A 61 -9.03 4.11 13.06
N GLU A 62 -10.03 3.36 13.51
CA GLU A 62 -10.15 1.97 13.16
C GLU A 62 -10.75 1.82 11.76
N LEU A 63 -10.15 0.95 10.95
CA LEU A 63 -10.69 0.66 9.63
C LEU A 63 -10.36 -0.75 9.20
N ASP A 64 -11.40 -1.59 9.20
CA ASP A 64 -11.37 -2.93 8.64
C ASP A 64 -12.05 -2.71 7.28
N VAL A 65 -11.31 -2.87 6.18
CA VAL A 65 -11.87 -2.61 4.84
C VAL A 65 -12.95 -3.64 4.43
N GLN A 66 -13.10 -4.74 5.16
CA GLN A 66 -14.13 -5.74 4.89
C GLN A 66 -15.43 -5.38 5.65
N ASN A 67 -15.35 -4.36 6.52
CA ASN A 67 -16.47 -3.92 7.34
C ASN A 67 -17.18 -2.70 6.70
N GLU A 68 -18.40 -2.91 6.17
CA GLU A 68 -19.16 -1.86 5.50
C GLU A 68 -19.54 -0.68 6.41
N GLU A 69 -19.75 -0.94 7.70
CA GLU A 69 -20.06 0.10 8.67
C GLU A 69 -18.85 1.01 8.88
N HIS A 70 -17.63 0.40 8.95
CA HIS A 70 -16.39 1.16 9.10
C HIS A 70 -16.22 2.09 7.89
N LEU A 71 -16.50 1.56 6.68
CA LEU A 71 -16.38 2.33 5.44
C LEU A 71 -17.40 3.47 5.34
N ALA A 72 -18.65 3.19 5.74
CA ALA A 72 -19.77 4.15 5.71
C ALA A 72 -19.56 5.34 6.65
N SER A 73 -18.92 5.12 7.81
CA SER A 73 -18.67 6.18 8.80
C SER A 73 -17.29 6.84 8.66
N LEU A 74 -16.41 6.27 7.80
CA LEU A 74 -15.02 6.73 7.67
C LEU A 74 -14.86 8.23 7.40
N ALA A 75 -15.55 8.79 6.38
CA ALA A 75 -15.43 10.22 6.05
C ALA A 75 -15.83 11.13 7.23
N GLY A 76 -16.88 10.74 7.96
CA GLY A 76 -17.35 11.48 9.13
C GLY A 76 -16.34 11.44 10.28
N ARG A 77 -15.72 10.27 10.49
CA ARG A 77 -14.70 10.07 11.53
C ARG A 77 -13.42 10.86 11.19
N VAL A 78 -13.02 10.86 9.90
CA VAL A 78 -11.86 11.62 9.42
C VAL A 78 -12.13 13.13 9.62
N THR A 79 -13.33 13.61 9.19
CA THR A 79 -13.71 15.03 9.32
C THR A 79 -13.63 15.48 10.78
N GLU A 80 -14.16 14.66 11.71
CA GLU A 80 -14.10 14.93 13.15
C GLU A 80 -12.63 15.07 13.62
N ALA A 81 -11.74 14.20 13.12
CA ALA A 81 -10.32 14.21 13.47
C ALA A 81 -9.53 15.40 12.89
N ILE A 82 -9.87 15.85 11.67
CA ILE A 82 -9.15 16.95 11.01
C ILE A 82 -9.83 18.31 11.20
N GLY A 83 -11.07 18.30 11.70
CA GLY A 83 -11.85 19.51 11.94
C GLY A 83 -12.79 19.82 10.79
N ALA A 84 -14.03 20.20 11.11
CA ALA A 84 -15.05 20.59 10.13
C ALA A 84 -14.52 21.68 9.17
N GLY A 85 -14.84 21.56 7.90
CA GLY A 85 -14.40 22.53 6.90
C GLY A 85 -13.06 22.19 6.29
N ASN A 86 -12.36 21.19 6.85
CA ASN A 86 -11.08 20.72 6.34
C ASN A 86 -11.29 19.46 5.56
N LYS A 87 -10.53 19.27 4.49
CA LYS A 87 -10.60 18.08 3.67
C LYS A 87 -9.20 17.48 3.55
N LEU A 88 -9.11 16.22 3.08
CA LEU A 88 -7.83 15.56 2.84
C LEU A 88 -7.23 15.97 1.50
N ASP A 89 -5.91 16.04 1.45
CA ASP A 89 -5.16 16.27 0.21
C ASP A 89 -4.59 14.96 -0.30
N GLY A 90 -4.48 13.97 0.59
CA GLY A 90 -3.89 12.70 0.20
C GLY A 90 -4.44 11.51 0.95
N VAL A 91 -4.40 10.36 0.27
CA VAL A 91 -4.86 9.07 0.80
C VAL A 91 -3.83 8.01 0.43
N VAL A 92 -3.38 7.23 1.42
CA VAL A 92 -2.44 6.15 1.20
C VAL A 92 -3.09 4.84 1.56
N HIS A 93 -3.28 3.97 0.56
CA HIS A 93 -3.78 2.61 0.73
C HIS A 93 -2.51 1.73 0.79
N SER A 94 -2.17 1.17 1.97
CA SER A 94 -1.00 0.29 2.10
C SER A 94 -1.50 -0.97 2.80
N ILE A 95 -2.52 -1.60 2.17
CA ILE A 95 -3.26 -2.74 2.69
C ILE A 95 -3.16 -3.91 1.73
N GLY A 96 -2.75 -5.05 2.26
CA GLY A 96 -2.61 -6.26 1.48
C GLY A 96 -2.69 -7.47 2.36
N PHE A 97 -3.34 -8.53 1.86
CA PHE A 97 -3.49 -9.79 2.58
C PHE A 97 -3.89 -10.88 1.62
N MET A 98 -3.37 -12.08 1.87
CA MET A 98 -3.77 -13.28 1.16
C MET A 98 -3.69 -14.43 2.16
N PRO A 99 -4.76 -15.25 2.39
CA PRO A 99 -4.62 -16.41 3.30
C PRO A 99 -3.43 -17.28 2.86
N GLN A 100 -2.87 -18.04 3.80
CA GLN A 100 -1.71 -18.90 3.52
C GLN A 100 -1.97 -19.97 2.47
N THR A 101 -3.24 -20.28 2.19
CA THR A 101 -3.58 -21.24 1.16
C THR A 101 -3.30 -20.65 -0.23
N GLY A 102 -3.26 -19.32 -0.33
CA GLY A 102 -3.06 -18.63 -1.60
C GLY A 102 -1.66 -18.11 -1.90
N MET A 103 -0.73 -18.38 -0.99
N MET A 103 -0.70 -18.32 -0.99
CA MET A 103 0.68 -17.98 -1.09
CA MET A 103 0.70 -17.85 -1.14
C MET A 103 1.52 -19.08 -0.47
C MET A 103 1.63 -18.77 -0.33
N GLY A 104 2.72 -19.25 -0.96
CA GLY A 104 3.66 -20.19 -0.36
C GLY A 104 3.77 -21.52 -1.09
N ILE A 105 4.06 -22.61 -0.35
CA ILE A 105 4.21 -23.95 -0.97
C ILE A 105 2.86 -24.58 -1.31
N ASN A 106 1.75 -24.10 -0.72
CA ASN A 106 0.46 -24.71 -1.03
C ASN A 106 0.26 -24.59 -2.54
N PRO A 107 0.01 -25.70 -3.28
CA PRO A 107 -0.16 -25.59 -4.74
C PRO A 107 -1.16 -24.50 -5.15
N PHE A 108 -0.85 -23.80 -6.25
CA PHE A 108 -1.71 -22.76 -6.82
C PHE A 108 -3.18 -23.25 -6.95
N PHE A 109 -3.36 -24.50 -7.44
CA PHE A 109 -4.67 -25.12 -7.64
C PHE A 109 -5.39 -25.51 -6.34
N ASP A 110 -4.72 -25.40 -5.20
CA ASP A 110 -5.29 -25.81 -3.91
C ASP A 110 -5.78 -24.67 -3.03
N ALA A 111 -5.84 -23.44 -3.56
CA ALA A 111 -6.36 -22.29 -2.80
C ALA A 111 -7.89 -22.27 -2.94
N PRO A 112 -8.68 -22.49 -1.86
CA PRO A 112 -10.16 -22.44 -2.01
C PRO A 112 -10.61 -21.04 -2.39
N TYR A 113 -11.68 -20.92 -3.20
CA TYR A 113 -12.13 -19.60 -3.63
C TYR A 113 -12.47 -18.65 -2.48
N ALA A 114 -13.02 -19.16 -1.37
CA ALA A 114 -13.38 -18.26 -0.26
C ALA A 114 -12.12 -17.53 0.25
N ASP A 115 -10.95 -18.22 0.22
CA ASP A 115 -9.67 -17.66 0.63
C ASP A 115 -9.16 -16.65 -0.41
N VAL A 116 -9.17 -17.03 -1.71
CA VAL A 116 -8.76 -16.12 -2.80
C VAL A 116 -9.64 -14.83 -2.75
N SER A 117 -10.96 -15.00 -2.58
CA SER A 117 -11.93 -13.90 -2.55
C SER A 117 -11.65 -12.94 -1.40
N LYS A 118 -11.31 -13.47 -0.22
CA LYS A 118 -10.97 -12.62 0.92
C LYS A 118 -9.71 -11.79 0.57
N GLY A 119 -8.72 -12.45 -0.02
CA GLY A 119 -7.47 -11.80 -0.42
C GLY A 119 -7.69 -10.71 -1.46
N ILE A 120 -8.55 -10.97 -2.46
CA ILE A 120 -8.86 -9.97 -3.48
C ILE A 120 -9.69 -8.81 -2.90
N HIS A 121 -10.60 -9.11 -1.96
CA HIS A 121 -11.41 -8.08 -1.29
C HIS A 121 -10.47 -7.08 -0.59
N ILE A 122 -9.59 -7.60 0.28
CA ILE A 122 -8.66 -6.77 1.04
C ILE A 122 -7.63 -6.08 0.18
N SER A 123 -7.02 -6.82 -0.75
CA SER A 123 -5.89 -6.32 -1.53
C SER A 123 -6.26 -5.49 -2.78
N ALA A 124 -7.45 -5.73 -3.40
CA ALA A 124 -7.83 -5.03 -4.64
C ALA A 124 -9.10 -4.23 -4.55
N TYR A 125 -10.21 -4.88 -4.18
CA TYR A 125 -11.51 -4.21 -4.11
C TYR A 125 -11.48 -3.03 -3.13
N SER A 126 -10.79 -3.20 -1.97
CA SER A 126 -10.72 -2.14 -0.95
C SER A 126 -10.08 -0.87 -1.42
N TYR A 127 -9.26 -0.92 -2.48
CA TYR A 127 -8.68 0.31 -3.03
C TYR A 127 -9.85 1.17 -3.56
N ALA A 128 -10.83 0.54 -4.24
CA ALA A 128 -12.02 1.26 -4.69
C ALA A 128 -12.90 1.67 -3.50
N SER A 129 -13.05 0.78 -2.49
CA SER A 129 -13.90 1.07 -1.31
C SER A 129 -13.36 2.30 -0.58
N MET A 130 -12.02 2.38 -0.45
N MET A 130 -12.01 2.38 -0.44
CA MET A 130 -11.39 3.52 0.23
CA MET A 130 -11.37 3.51 0.23
C MET A 130 -11.55 4.83 -0.55
C MET A 130 -11.59 4.82 -0.55
N ALA A 131 -11.41 4.78 -1.88
CA ALA A 131 -11.60 5.94 -2.76
C ALA A 131 -13.06 6.39 -2.71
N LYS A 132 -14.03 5.44 -2.71
CA LYS A 132 -15.44 5.79 -2.62
C LYS A 132 -15.72 6.54 -1.32
N ALA A 133 -15.21 6.03 -0.21
CA ALA A 133 -15.42 6.62 1.12
C ALA A 133 -14.79 7.99 1.28
N LEU A 134 -13.61 8.19 0.69
CA LEU A 134 -12.85 9.41 0.95
C LEU A 134 -12.86 10.49 -0.13
N LEU A 135 -13.14 10.15 -1.41
CA LEU A 135 -13.24 11.18 -2.46
C LEU A 135 -14.19 12.34 -2.10
N PRO A 136 -15.36 12.13 -1.43
CA PRO A 136 -16.23 13.28 -1.09
C PRO A 136 -15.61 14.24 -0.07
N ILE A 137 -14.50 13.83 0.57
CA ILE A 137 -13.81 14.70 1.55
C ILE A 137 -12.37 14.96 1.07
N MET A 138 -12.15 14.94 -0.26
CA MET A 138 -10.83 15.25 -0.78
C MET A 138 -10.83 16.55 -1.56
N ASN A 139 -9.72 17.28 -1.49
CA ASN A 139 -9.54 18.55 -2.18
C ASN A 139 -9.09 18.36 -3.62
N PRO A 140 -9.46 19.30 -4.54
CA PRO A 140 -8.90 19.26 -5.91
C PRO A 140 -7.37 19.37 -5.81
N GLY A 141 -6.67 18.68 -6.71
CA GLY A 141 -5.22 18.59 -6.67
C GLY A 141 -4.77 17.45 -5.77
N GLY A 142 -5.73 16.75 -5.17
CA GLY A 142 -5.48 15.65 -4.26
C GLY A 142 -4.87 14.41 -4.90
N SER A 143 -4.46 13.47 -4.06
CA SER A 143 -3.78 12.27 -4.55
C SER A 143 -4.09 11.02 -3.72
N ILE A 144 -4.46 9.92 -4.41
CA ILE A 144 -4.70 8.60 -3.80
C ILE A 144 -3.56 7.70 -4.31
N VAL A 145 -2.88 7.01 -3.38
CA VAL A 145 -1.75 6.15 -3.73
C VAL A 145 -1.96 4.78 -3.08
N GLY A 146 -1.79 3.73 -3.87
CA GLY A 146 -1.84 2.36 -3.39
C GLY A 146 -0.50 1.69 -3.63
N MET A 147 -0.28 0.56 -2.95
CA MET A 147 0.95 -0.21 -3.03
C MET A 147 0.76 -1.43 -3.91
N ASP A 148 1.66 -1.59 -4.87
CA ASP A 148 1.64 -2.65 -5.86
C ASP A 148 2.93 -3.50 -5.76
N PHE A 149 2.86 -4.72 -6.28
CA PHE A 149 4.00 -5.63 -6.43
C PHE A 149 3.84 -6.19 -7.85
N ASP A 150 4.69 -5.73 -8.77
CA ASP A 150 4.65 -6.00 -10.20
C ASP A 150 4.14 -7.42 -10.55
N PRO A 151 2.89 -7.50 -11.05
CA PRO A 151 2.31 -8.82 -11.35
C PRO A 151 2.27 -9.13 -12.86
N SER A 152 3.00 -8.38 -13.69
N SER A 152 3.00 -8.38 -13.71
CA SER A 152 3.01 -8.53 -15.17
CA SER A 152 2.97 -8.54 -15.18
C SER A 152 3.42 -9.93 -15.63
C SER A 152 3.44 -9.93 -15.64
N ARG A 153 4.23 -10.61 -14.80
CA ARG A 153 4.70 -11.98 -15.07
CA ARG A 153 4.70 -11.98 -15.07
C ARG A 153 4.46 -12.82 -13.83
N ALA A 154 4.16 -14.12 -14.02
CA ALA A 154 3.95 -14.98 -12.87
C ALA A 154 5.31 -15.23 -12.17
N MET A 155 5.25 -15.65 -10.92
CA MET A 155 6.47 -15.92 -10.16
C MET A 155 6.19 -16.98 -9.11
N PRO A 156 7.20 -17.73 -8.65
CA PRO A 156 6.91 -18.75 -7.62
C PRO A 156 6.41 -18.14 -6.31
N ALA A 157 5.65 -18.93 -5.53
CA ALA A 157 5.19 -18.65 -4.17
C ALA A 157 4.17 -17.51 -4.00
N TYR A 158 4.35 -16.34 -4.67
CA TYR A 158 3.42 -15.21 -4.54
C TYR A 158 1.99 -15.56 -4.99
N ASN A 159 1.89 -16.49 -5.97
CA ASN A 159 0.65 -17.12 -6.41
C ASN A 159 -0.56 -16.18 -6.45
N TRP A 160 -1.59 -16.42 -5.61
CA TRP A 160 -2.83 -15.61 -5.65
C TRP A 160 -2.62 -14.17 -5.20
N MET A 161 -1.53 -13.85 -4.45
CA MET A 161 -1.24 -12.43 -4.15
C MET A 161 -0.93 -11.68 -5.48
N THR A 162 -0.20 -12.32 -6.40
CA THR A 162 0.12 -11.74 -7.73
C THR A 162 -1.18 -11.50 -8.50
N VAL A 163 -2.09 -12.48 -8.49
CA VAL A 163 -3.41 -12.35 -9.16
C VAL A 163 -4.17 -11.14 -8.56
N ALA A 164 -4.14 -11.00 -7.22
CA ALA A 164 -4.81 -9.88 -6.52
C ALA A 164 -4.19 -8.52 -6.95
N LYS A 165 -2.85 -8.49 -7.13
CA LYS A 165 -2.14 -7.27 -7.60
C LYS A 165 -2.51 -6.95 -9.06
N SER A 166 -2.68 -7.97 -9.90
CA SER A 166 -3.14 -7.72 -11.30
C SER A 166 -4.55 -7.07 -11.24
N ALA A 167 -5.42 -7.55 -10.34
CA ALA A 167 -6.76 -6.98 -10.17
C ALA A 167 -6.66 -5.53 -9.64
N LEU A 168 -5.75 -5.28 -8.67
CA LEU A 168 -5.55 -3.95 -8.09
C LEU A 168 -5.14 -2.93 -9.17
N GLU A 169 -4.19 -3.30 -10.03
CA GLU A 169 -3.75 -2.43 -11.12
C GLU A 169 -4.95 -2.06 -12.01
N SER A 170 -5.85 -3.02 -12.27
CA SER A 170 -7.03 -2.74 -13.09
C SER A 170 -7.98 -1.79 -12.32
N VAL A 171 -8.17 -2.08 -11.03
CA VAL A 171 -9.05 -1.27 -10.15
C VAL A 171 -8.54 0.17 -10.14
N ASN A 172 -7.21 0.36 -10.04
CA ASN A 172 -6.61 1.69 -10.00
C ASN A 172 -6.98 2.53 -11.24
N ARG A 173 -6.97 1.91 -12.43
CA ARG A 173 -7.34 2.62 -13.66
C ARG A 173 -8.78 3.11 -13.66
N PHE A 174 -9.69 2.32 -13.05
CA PHE A 174 -11.09 2.76 -12.91
C PHE A 174 -11.25 3.80 -11.82
N VAL A 175 -10.53 3.64 -10.69
CA VAL A 175 -10.59 4.63 -9.59
C VAL A 175 -10.15 5.99 -10.14
N ALA A 176 -9.11 5.98 -11.01
CA ALA A 176 -8.63 7.22 -11.64
C ALA A 176 -9.74 7.94 -12.39
N ARG A 177 -10.63 7.18 -13.09
CA ARG A 177 -11.76 7.81 -13.82
C ARG A 177 -12.66 8.55 -12.86
N GLU A 178 -12.97 7.92 -11.70
CA GLU A 178 -13.85 8.51 -10.69
C GLU A 178 -13.19 9.67 -9.97
N ALA A 179 -11.93 9.49 -9.57
CA ALA A 179 -11.14 10.49 -8.85
C ALA A 179 -10.93 11.77 -9.66
N GLY A 180 -10.79 11.63 -10.98
CA GLY A 180 -10.64 12.77 -11.89
C GLY A 180 -11.78 13.77 -11.83
N LYS A 181 -13.02 13.30 -11.52
CA LYS A 181 -14.21 14.15 -11.38
C LYS A 181 -14.06 15.11 -10.19
N TYR A 182 -13.18 14.76 -9.23
CA TYR A 182 -12.90 15.56 -8.03
C TYR A 182 -11.58 16.34 -8.15
N GLY A 183 -10.93 16.25 -9.32
CA GLY A 183 -9.61 16.84 -9.55
C GLY A 183 -8.55 16.07 -8.77
N VAL A 184 -8.80 14.76 -8.53
CA VAL A 184 -7.91 13.92 -7.73
C VAL A 184 -7.22 12.85 -8.59
N ARG A 185 -5.93 12.60 -8.33
CA ARG A 185 -5.14 11.57 -9.01
C ARG A 185 -5.20 10.26 -8.26
N SER A 186 -5.09 9.14 -8.98
CA SER A 186 -5.04 7.80 -8.36
C SER A 186 -3.89 7.04 -9.02
N ASN A 187 -2.91 6.61 -8.22
CA ASN A 187 -1.75 5.89 -8.75
C ASN A 187 -1.30 4.83 -7.77
N LEU A 188 -0.51 3.87 -8.28
CA LEU A 188 0.10 2.85 -7.46
C LEU A 188 1.60 2.99 -7.50
N VAL A 189 2.26 2.60 -6.41
CA VAL A 189 3.71 2.50 -6.35
C VAL A 189 4.02 0.99 -6.35
N ALA A 190 4.71 0.53 -7.39
CA ALA A 190 5.12 -0.87 -7.47
C ALA A 190 6.49 -0.95 -6.80
N ALA A 191 6.52 -1.50 -5.58
CA ALA A 191 7.76 -1.62 -4.81
C ALA A 191 8.49 -2.92 -5.10
N GLY A 192 9.81 -2.89 -4.96
CA GLY A 192 10.58 -4.13 -4.97
C GLY A 192 10.27 -4.87 -3.67
N PRO A 193 10.72 -6.13 -3.48
CA PRO A 193 10.41 -6.84 -2.22
C PRO A 193 11.04 -6.20 -0.98
N ILE A 194 10.26 -6.12 0.10
CA ILE A 194 10.70 -5.48 1.35
C ILE A 194 10.64 -6.49 2.46
N ARG A 195 11.70 -6.53 3.29
CA ARG A 195 11.80 -7.43 4.43
C ARG A 195 11.01 -6.92 5.62
N THR A 196 9.67 -6.99 5.52
CA THR A 196 8.76 -6.67 6.62
C THR A 196 8.85 -7.86 7.57
N LEU A 197 8.12 -7.82 8.69
CA LEU A 197 8.11 -8.96 9.61
C LEU A 197 7.54 -10.22 8.89
N ALA A 198 6.40 -10.12 8.22
CA ALA A 198 5.81 -11.27 7.52
C ALA A 198 6.73 -11.82 6.44
N MET A 199 7.37 -10.93 5.65
CA MET A 199 8.26 -11.39 4.57
C MET A 199 9.49 -12.07 5.11
N SER A 200 10.05 -11.57 6.23
CA SER A 200 11.20 -12.21 6.87
C SER A 200 10.81 -13.62 7.32
N ALA A 201 9.60 -13.76 7.92
CA ALA A 201 9.07 -15.05 8.39
C ALA A 201 8.87 -16.01 7.19
N ILE A 202 8.32 -15.49 6.06
CA ILE A 202 8.09 -16.27 4.83
C ILE A 202 9.41 -16.78 4.25
N VAL A 203 10.41 -15.87 4.08
CA VAL A 203 11.75 -16.21 3.61
C VAL A 203 12.38 -17.24 4.58
N GLY A 204 12.06 -17.15 5.88
CA GLY A 204 12.51 -18.08 6.90
C GLY A 204 11.81 -19.44 6.88
N GLY A 205 10.85 -19.61 5.97
CA GLY A 205 10.13 -20.87 5.79
C GLY A 205 8.78 -20.99 6.48
N ALA A 206 8.17 -19.88 6.94
CA ALA A 206 6.85 -19.93 7.63
C ALA A 206 5.73 -20.52 6.74
N LEU A 207 5.87 -20.41 5.40
CA LEU A 207 4.87 -20.95 4.48
C LEU A 207 5.47 -22.07 3.62
N GLY A 208 6.40 -22.80 4.21
CA GLY A 208 7.12 -23.89 3.54
C GLY A 208 8.51 -23.48 3.13
N GLU A 209 9.43 -24.46 3.12
CA GLU A 209 10.84 -24.28 2.79
C GLU A 209 11.08 -23.84 1.35
N GLU A 210 10.49 -24.56 0.38
CA GLU A 210 10.64 -24.27 -1.03
C GLU A 210 10.17 -22.86 -1.36
N ALA A 211 9.07 -22.41 -0.75
CA ALA A 211 8.58 -21.04 -0.99
C ALA A 211 9.57 -20.02 -0.44
N GLY A 212 10.12 -20.26 0.75
CA GLY A 212 11.13 -19.38 1.34
C GLY A 212 12.36 -19.29 0.46
N ALA A 213 12.84 -20.44 -0.03
CA ALA A 213 14.02 -20.54 -0.90
C ALA A 213 13.80 -19.76 -2.23
N GLN A 214 12.62 -19.90 -2.82
CA GLN A 214 12.27 -19.22 -4.06
C GLN A 214 12.17 -17.70 -3.90
N ILE A 215 11.59 -17.24 -2.80
CA ILE A 215 11.48 -15.81 -2.53
C ILE A 215 12.87 -15.19 -2.25
N GLN A 216 13.74 -15.95 -1.56
CA GLN A 216 15.10 -15.48 -1.32
C GLN A 216 15.84 -15.32 -2.67
N LEU A 217 15.64 -16.27 -3.61
CA LEU A 217 16.25 -16.18 -4.95
C LEU A 217 15.67 -14.99 -5.71
N LEU A 218 14.37 -14.74 -5.56
CA LEU A 218 13.72 -13.60 -6.22
C LEU A 218 14.34 -12.28 -5.73
N GLU A 219 14.54 -12.14 -4.40
CA GLU A 219 15.15 -10.95 -3.77
C GLU A 219 16.55 -10.71 -4.30
N GLU A 220 17.36 -11.77 -4.40
CA GLU A 220 18.73 -11.69 -4.91
C GLU A 220 18.78 -11.25 -6.36
N GLY A 221 17.92 -11.85 -7.18
CA GLY A 221 17.80 -11.55 -8.60
C GLY A 221 17.34 -10.12 -8.82
N TRP A 222 16.50 -9.60 -7.92
CA TRP A 222 15.98 -8.24 -7.94
C TRP A 222 17.11 -7.23 -7.82
N ASP A 223 17.95 -7.41 -6.79
CA ASP A 223 19.10 -6.54 -6.57
C ASP A 223 20.09 -6.68 -7.73
N GLN A 224 20.30 -7.90 -8.27
CA GLN A 224 21.21 -8.12 -9.40
C GLN A 224 20.74 -7.37 -10.65
N ARG A 225 19.45 -7.46 -10.98
CA ARG A 225 18.84 -6.80 -12.16
C ARG A 225 18.71 -5.29 -12.01
N ALA A 226 18.52 -4.78 -10.77
CA ALA A 226 18.36 -3.35 -10.54
C ALA A 226 19.62 -2.56 -10.94
N PRO A 227 19.62 -1.67 -11.97
CA PRO A 227 20.86 -0.92 -12.31
C PRO A 227 21.41 -0.12 -11.14
N ILE A 228 20.55 0.27 -10.21
CA ILE A 228 21.01 1.02 -9.02
C ILE A 228 20.96 0.15 -7.75
N GLY A 229 20.74 -1.15 -7.92
CA GLY A 229 20.65 -2.05 -6.77
C GLY A 229 19.30 -1.98 -6.07
N TRP A 230 19.06 -2.93 -5.18
CA TRP A 230 17.81 -2.97 -4.44
C TRP A 230 18.08 -3.45 -3.03
N ASN A 231 17.77 -2.61 -2.06
CA ASN A 231 18.00 -2.96 -0.66
C ASN A 231 16.64 -3.28 -0.02
N MET A 232 16.35 -4.58 0.10
CA MET A 232 15.09 -5.08 0.69
C MET A 232 14.88 -4.68 2.16
N LYS A 233 15.96 -4.31 2.87
CA LYS A 233 15.86 -3.91 4.29
C LYS A 233 15.62 -2.42 4.41
N ASP A 234 15.42 -1.71 3.28
CA ASP A 234 15.21 -0.27 3.35
C ASP A 234 13.95 0.17 2.61
N ALA A 235 12.87 0.49 3.35
CA ALA A 235 11.62 0.94 2.73
C ALA A 235 11.65 2.45 2.45
N THR A 236 12.72 3.19 2.89
CA THR A 236 12.74 4.66 2.70
C THR A 236 12.61 5.07 1.20
N PRO A 237 13.32 4.46 0.21
CA PRO A 237 13.12 4.87 -1.20
C PRO A 237 11.66 4.69 -1.67
N VAL A 238 10.96 3.67 -1.13
CA VAL A 238 9.55 3.40 -1.45
C VAL A 238 8.67 4.51 -0.84
N ALA A 239 8.94 4.85 0.44
CA ALA A 239 8.22 5.91 1.16
C ALA A 239 8.39 7.26 0.44
N LYS A 240 9.62 7.60 0.01
CA LYS A 240 9.89 8.84 -0.73
C LYS A 240 9.06 8.90 -2.04
N THR A 241 8.98 7.78 -2.76
CA THR A 241 8.22 7.67 -4.02
C THR A 241 6.72 7.93 -3.77
N VAL A 242 6.17 7.36 -2.69
CA VAL A 242 4.76 7.57 -2.31
C VAL A 242 4.56 9.07 -2.04
N CYS A 243 5.51 9.71 -1.32
CA CYS A 243 5.44 11.14 -1.06
C CYS A 243 5.54 11.98 -2.34
N ALA A 244 6.37 11.53 -3.32
CA ALA A 244 6.44 12.23 -4.62
C ALA A 244 5.04 12.26 -5.26
N LEU A 245 4.31 11.12 -5.23
CA LEU A 245 2.96 11.07 -5.79
C LEU A 245 1.95 11.87 -5.00
N LEU A 246 2.13 11.96 -3.67
CA LEU A 246 1.23 12.77 -2.82
C LEU A 246 1.47 14.26 -3.00
N SER A 247 2.63 14.64 -3.56
CA SER A 247 3.03 16.04 -3.72
C SER A 247 2.38 16.66 -4.96
N ASP A 248 2.70 17.92 -5.23
CA ASP A 248 2.18 18.62 -6.42
C ASP A 248 3.11 18.44 -7.60
N TRP A 249 4.14 17.56 -7.50
CA TRP A 249 5.20 17.44 -8.51
C TRP A 249 4.97 16.38 -9.59
N LEU A 250 3.86 15.61 -9.51
CA LEU A 250 3.49 14.67 -10.58
C LEU A 250 2.00 14.98 -10.88
N PRO A 251 1.69 16.22 -11.34
CA PRO A 251 0.29 16.63 -11.44
C PRO A 251 -0.47 16.11 -12.66
N ALA A 252 0.24 15.51 -13.62
CA ALA A 252 -0.40 15.02 -14.85
C ALA A 252 -0.30 13.49 -14.96
N THR A 253 -0.10 12.81 -13.82
CA THR A 253 0.03 11.34 -13.76
C THR A 253 -1.16 10.77 -12.98
N THR A 254 -1.96 9.89 -13.63
CA THR A 254 -3.11 9.26 -13.00
C THR A 254 -3.46 7.94 -13.69
N GLY A 255 -4.09 7.04 -12.94
CA GLY A 255 -4.43 5.67 -13.37
C GLY A 255 -3.17 4.87 -13.63
N ASP A 256 -2.05 5.33 -13.08
CA ASP A 256 -0.73 4.84 -13.44
C ASP A 256 0.03 4.11 -12.34
N ILE A 257 1.21 3.59 -12.70
CA ILE A 257 2.08 2.82 -11.82
C ILE A 257 3.47 3.41 -11.88
N ILE A 258 4.02 3.78 -10.71
CA ILE A 258 5.38 4.27 -10.60
C ILE A 258 6.14 3.14 -9.97
N TYR A 259 7.26 2.72 -10.59
CA TYR A 259 8.05 1.60 -10.08
C TYR A 259 9.20 2.08 -9.18
N ALA A 260 9.13 1.80 -7.86
CA ALA A 260 10.18 2.09 -6.88
C ALA A 260 10.81 0.71 -6.60
N ASP A 261 11.55 0.19 -7.58
CA ASP A 261 12.08 -1.17 -7.55
C ASP A 261 13.55 -1.26 -7.95
N GLY A 262 14.26 -0.13 -7.93
CA GLY A 262 15.68 -0.05 -8.31
C GLY A 262 15.85 -0.16 -9.82
N GLY A 263 14.76 -0.11 -10.57
CA GLY A 263 14.75 -0.30 -12.01
C GLY A 263 14.81 -1.77 -12.42
N ALA A 264 14.65 -2.71 -11.46
CA ALA A 264 14.74 -4.16 -11.78
C ALA A 264 13.78 -4.64 -12.88
N HIS A 265 12.55 -4.09 -12.93
CA HIS A 265 11.57 -4.52 -13.94
C HIS A 265 11.96 -4.10 -15.37
N THR A 266 12.98 -3.26 -15.52
CA THR A 266 13.40 -2.75 -16.85
C THR A 266 14.53 -3.57 -17.45
N GLN A 267 15.01 -4.57 -16.68
CA GLN A 267 16.18 -5.39 -17.06
C GLN A 267 15.85 -6.86 -17.00
N LEU A 268 16.36 -7.63 -17.94
CA LEU A 268 16.10 -9.08 -17.95
C LEU A 268 17.14 -9.82 -17.12
N LEU A 269 18.40 -9.40 -17.22
CA LEU A 269 19.54 -9.96 -16.50
C LEU A 269 20.47 -8.78 -16.17
C15 9VZ B . 3.00 -10.37 2.79
C01 9VZ B . 0.86 -14.84 3.37
C02 9VZ B . 0.17 -13.54 3.22
O03 9VZ B . 1.16 -12.46 3.26
C04 9VZ B . 0.68 -11.20 3.24
O05 9VZ B . -0.45 -10.94 2.95
C06 9VZ B . 1.74 -10.21 3.63
C07 9VZ B . 1.21 -8.77 3.57
C08 9VZ B . 0.87 -8.28 2.15
C09 9VZ B . 1.95 -8.70 1.19
N10 9VZ B . 2.03 -8.18 -0.09
C11 9VZ B . 3.05 -8.67 -0.75
C12 9VZ B . 3.41 -8.27 -2.14
S13 9VZ B . 3.94 -9.88 0.12
C14 9VZ B . 2.87 -9.66 1.47
H30 9VZ B . 3.76 -9.98 3.26
H29 9VZ B . 3.23 -11.31 2.63
H18 9VZ B . 0.33 -15.45 3.88
H17 9VZ B . 1.71 -14.73 3.84
H16 9VZ B . 1.05 -15.24 2.51
H20 9VZ B . -0.30 -13.50 2.37
H19 9VZ B . -0.47 -13.41 3.93
H21 9VZ B . 1.95 -10.42 4.56
H22 9VZ B . 0.43 -8.67 4.13
H23 9VZ B . 1.89 -8.19 3.95
H24 9VZ B . 0.02 -8.64 1.85
H25 9VZ B . 0.78 -7.31 2.16
H28 9VZ B . 2.66 -8.40 -2.76
H27 9VZ B . 4.14 -8.80 -2.49
H26 9VZ B . 3.66 -7.34 -2.18
PA NAD C . 2.20 -5.10 6.40
O1A NAD C . 1.79 -6.35 7.05
O2A NAD C . 3.17 -4.27 7.24
O5B NAD C . 0.99 -4.23 5.94
C5B NAD C . -0.23 -4.75 5.37
C4B NAD C . -1.35 -4.08 6.11
O4B NAD C . -2.63 -4.59 5.66
C3B NAD C . -1.32 -4.27 7.65
O3B NAD C . -1.26 -3.03 8.35
C2B NAD C . -2.66 -4.94 7.94
O2B NAD C . -3.23 -4.54 9.17
C1B NAD C . -3.49 -4.42 6.76
N9A NAD C . -4.74 -5.12 6.61
C8A NAD C . -4.96 -6.46 6.43
N7A NAD C . -6.23 -6.80 6.39
C5A NAD C . -6.90 -5.59 6.54
C6A NAD C . -8.26 -5.26 6.60
N6A NAD C . -9.26 -6.16 6.53
N1A NAD C . -8.59 -3.96 6.75
C2A NAD C . -7.60 -3.06 6.85
N3A NAD C . -6.29 -3.25 6.83
C4A NAD C . -5.99 -4.56 6.67
O3 NAD C . 2.93 -5.41 5.02
PN NAD C . 3.54 -4.43 3.91
O1N NAD C . 4.02 -3.16 4.49
O2N NAD C . 4.49 -5.25 3.12
O5D NAD C . 2.22 -4.18 3.04
C5D NAD C . 1.80 -2.87 2.63
C4D NAD C . 1.41 -2.88 1.17
O4D NAD C . 2.60 -2.97 0.34
C3D NAD C . 0.50 -4.04 0.74
O3D NAD C . -0.42 -3.61 -0.27
C2D NAD C . 1.50 -5.02 0.13
O2D NAD C . 0.91 -5.96 -0.76
C1D NAD C . 2.43 -4.03 -0.57
N1N NAD C . 3.79 -4.52 -0.99
C2N NAD C . 4.59 -5.23 -0.18
C3N NAD C . 5.84 -5.65 -0.64
C7N NAD C . 6.75 -6.42 0.28
O7N NAD C . 7.66 -7.08 -0.20
N7N NAD C . 6.55 -6.33 1.61
C4N NAD C . 6.22 -5.34 -1.95
C5N NAD C . 5.36 -4.60 -2.75
C6N NAD C . 4.14 -4.20 -2.25
C2 ETX D . 12.69 -1.39 6.10
O2 ETX D . 12.74 0.03 6.21
C3 ETX D . 13.74 0.54 7.08
C4 ETX D . 14.09 1.96 6.69
O1 ETX D . 10.47 -2.17 6.29
C1 ETX D . 11.66 -2.01 7.04
C2 ETX E . 5.63 -8.49 -22.24
O2 ETX E . 5.10 -9.75 -21.80
C3 ETX E . 4.37 -9.68 -20.56
C4 ETX E . 3.89 -11.05 -20.14
O1 ETX E . 7.78 -9.48 -22.78
C1 ETX E . 6.71 -8.68 -23.30
C2 ETX F . 13.15 -7.59 10.30
O2 ETX F . 13.31 -8.59 11.29
C3 ETX F . 14.59 -9.22 11.19
C4 ETX F . 14.40 -10.58 10.54
O1 ETX F . 11.00 -6.64 10.90
C1 ETX F . 11.67 -7.46 9.93
#